data_4NYA
#
_entry.id   4NYA
#
_cell.length_a   149.730
_cell.length_b   29.890
_cell.length_c   95.430
_cell.angle_alpha   90.00
_cell.angle_beta   93.94
_cell.angle_gamma   90.00
#
_symmetry.space_group_name_H-M   'C 1 2 1'
#
loop_
_entity.id
_entity.type
_entity.pdbx_description
1 polymer 'thiM TPP riboswitch'
2 non-polymer 'MAGNESIUM ION'
3 non-polymer 5-(azidomethyl)-2-methylpyrimidin-4-amine
4 water water
#
_entity_poly.entity_id   1
_entity_poly.type   'polyribonucleotide'
_entity_poly.pdbx_seq_one_letter_code
;(GTP)GACUCGGGGUGCCCUUCUGCGUGAAGGCUGAGAAAUACCCGUAUCACCUGAUCUGGAUAAUGCCAGCGUAGGGAA
GUU(CCC)
;
_entity_poly.pdbx_strand_id   A,B
#
loop_
_chem_comp.id
_chem_comp.type
_chem_comp.name
_chem_comp.formula
2QB non-polymer 5-(azidomethyl)-2-methylpyrimidin-4-amine 'C6 H8 N6'
A RNA linking ADENOSINE-5'-MONOPHOSPHATE 'C10 H14 N5 O7 P'
C RNA linking CYTIDINE-5'-MONOPHOSPHATE 'C9 H14 N3 O8 P'
CCC RNA linking 'CYTIDINE-5'-PHOSPHATE-2',3'-CYCLIC PHOSPHATE' 'C9 H13 N3 O10 P2'
G RNA linking GUANOSINE-5'-MONOPHOSPHATE 'C10 H14 N5 O8 P'
GTP non-polymer GUANOSINE-5'-TRIPHOSPHATE 'C10 H16 N5 O14 P3'
MG non-polymer 'MAGNESIUM ION' 'Mg 2'
U RNA linking URIDINE-5'-MONOPHOSPHATE 'C9 H13 N2 O9 P'
#
# COMPACT_ATOMS: atom_id res chain seq x y z
O3B GTP A 1 -10.16 55.15 -0.24
PB GTP A 1 -9.35 54.62 0.92
O1B GTP A 1 -8.89 55.76 1.79
O2B GTP A 1 -8.14 53.87 0.40
O3A GTP A 1 -10.20 53.68 1.73
PA GTP A 1 -10.81 52.22 1.99
O1A GTP A 1 -11.59 52.07 0.75
O2A GTP A 1 -9.75 51.24 2.32
O5' GTP A 1 -11.80 52.31 3.23
C5' GTP A 1 -11.27 52.52 4.53
C4' GTP A 1 -12.37 53.00 5.48
O4' GTP A 1 -12.56 54.44 5.29
C3' GTP A 1 -13.74 52.41 5.23
O3' GTP A 1 -13.87 51.14 5.86
C2' GTP A 1 -14.60 53.47 5.90
O2' GTP A 1 -14.50 53.42 7.31
C1' GTP A 1 -13.94 54.74 5.37
N9 GTP A 1 -14.42 55.12 4.05
C8 GTP A 1 -13.71 55.12 2.87
N7 GTP A 1 -14.41 55.52 1.83
C5 GTP A 1 -15.66 55.81 2.36
C6 GTP A 1 -16.84 56.28 1.73
O6 GTP A 1 -17.02 56.54 0.53
N1 GTP A 1 -17.90 56.44 2.63
C2 GTP A 1 -17.81 56.17 3.98
N2 GTP A 1 -18.92 56.39 4.70
N3 GTP A 1 -16.72 55.74 4.59
C4 GTP A 1 -15.69 55.57 3.72
PC CCC A 80 -25.13 60.56 5.74
O1C CCC A 80 -24.55 60.91 7.10
O2C CCC A 80 -26.60 60.37 5.51
P CCC A 80 -26.56 60.99 -1.04
OP1 CCC A 80 -27.77 61.83 -0.70
OP2 CCC A 80 -25.56 61.50 -2.05
O5' CCC A 80 -25.78 60.61 0.31
C5' CCC A 80 -26.10 61.21 1.57
C4' CCC A 80 -25.58 60.32 2.70
O4' CCC A 80 -25.20 59.05 2.16
C3' CCC A 80 -24.37 60.92 3.36
O3' CCC A 80 -24.52 61.53 4.63
C2' CCC A 80 -23.68 59.64 3.84
O2' CCC A 80 -24.31 59.33 5.10
C1' CCC A 80 -24.05 58.56 2.84
N1 CCC A 80 -22.92 58.36 1.93
C2 CCC A 80 -21.79 57.65 2.36
O2 CCC A 80 -21.75 57.17 3.52
N3 CCC A 80 -20.73 57.48 1.53
C4 CCC A 80 -20.76 57.98 0.28
N4 CCC A 80 -19.70 57.81 -0.54
C5 CCC A 80 -21.87 58.70 -0.16
C6 CCC A 80 -22.95 58.88 0.69
PG GTP B 1 10.39 -52.92 -5.57
O1G GTP B 1 9.15 -52.05 -5.49
O2G GTP B 1 11.61 -52.10 -5.18
O3G GTP B 1 10.56 -53.43 -6.98
O3B GTP B 1 10.21 -54.15 -4.55
PB GTP B 1 9.81 -53.91 -3.01
O1B GTP B 1 8.32 -54.16 -2.85
O2B GTP B 1 10.58 -54.90 -2.17
O3A GTP B 1 10.16 -52.51 -2.58
PA GTP B 1 9.30 -51.51 -1.66
O1A GTP B 1 8.19 -50.72 -2.24
O2A GTP B 1 10.54 -50.82 -1.21
O5' GTP B 1 8.75 -52.30 -0.38
C5' GTP B 1 7.54 -51.89 0.25
C4' GTP B 1 7.45 -52.48 1.64
O4' GTP B 1 7.80 -53.88 1.60
C3' GTP B 1 8.42 -51.89 2.65
O3' GTP B 1 7.90 -50.69 3.19
C2' GTP B 1 8.48 -53.01 3.68
O2' GTP B 1 7.35 -53.06 4.52
C1' GTP B 1 8.54 -54.22 2.76
N9 GTP B 1 9.90 -54.57 2.38
C8 GTP B 1 10.47 -54.51 1.13
N7 GTP B 1 11.72 -54.88 1.10
C5 GTP B 1 12.00 -55.22 2.42
C6 GTP B 1 13.20 -55.70 3.00
O6 GTP B 1 14.29 -55.92 2.46
N1 GTP B 1 13.06 -55.91 4.37
C2 GTP B 1 11.90 -55.69 5.09
N2 GTP B 1 11.95 -55.96 6.40
N3 GTP B 1 10.77 -55.25 4.55
C4 GTP B 1 10.90 -55.04 3.22
PC CCC B 80 15.01 -60.52 11.39
O1C CCC B 80 15.44 -59.88 12.69
O2C CCC B 80 13.84 -61.48 11.33
P CCC B 80 21.52 -59.87 9.31
OP1 CCC B 80 22.00 -60.73 10.45
OP2 CCC B 80 21.82 -60.29 7.88
O5' CCC B 80 19.93 -59.68 9.46
C5' CCC B 80 19.33 -59.64 10.75
C4' CCC B 80 17.87 -59.23 10.63
O4' CCC B 80 17.78 -58.03 9.84
C3' CCC B 80 17.08 -60.29 9.91
O3' CCC B 80 16.24 -61.17 10.65
C2' CCC B 80 15.98 -59.43 9.29
O2' CCC B 80 14.88 -59.44 10.21
C1' CCC B 80 16.54 -58.03 9.13
N1 CCC B 80 16.70 -57.79 7.69
C2 CCC B 80 15.62 -57.22 6.97
O2 CCC B 80 14.56 -56.90 7.55
N3 CCC B 80 15.73 -57.02 5.64
C4 CCC B 80 16.85 -57.36 4.98
N4 CCC B 80 16.94 -57.14 3.64
C5 CCC B 80 17.91 -57.92 5.68
C6 CCC B 80 17.81 -58.14 7.05
MG MG C . 1.31 45.13 -4.66
MG MG D . 17.83 31.37 -15.30
MG MG E . 13.42 52.07 -6.71
MG MG F . 2.49 21.45 14.83
MG MG G . 0.85 49.70 -12.06
MG MG H . -6.66 50.28 3.00
MG MG I . 5.15 40.72 -10.12
MG MG J . 10.59 46.14 -14.80
MG MG K . 2.38 38.16 2.93
NAH 2QB L . 2.89 36.05 -3.99
NAG 2QB L . 2.92 35.48 -3.03
NAF 2QB L . 2.96 34.92 -2.06
CAE 2QB L . 2.86 33.45 -2.18
C5 2QB L . 1.55 33.05 -2.00
C6 2QB L . 0.68 32.96 -3.08
N1 2QB L . -0.53 32.28 -2.92
C2 2QB L . -0.85 31.74 -1.74
CAL 2QB L . -2.09 31.12 -1.58
N3 2QB L . -0.03 31.85 -0.68
C4 2QB L . 1.15 32.49 -0.79
NAA 2QB L . 2.08 32.36 0.15
MG MG M . 19.94 -35.68 -14.06
MG MG N . 14.77 -47.37 -30.28
MG MG O . -1.36 -23.29 -31.94
MG MG P . 7.81 -27.97 -33.56
MG MG Q . 15.39 -29.47 -31.42
MG MG R . 19.72 -53.42 0.00
NAH 2QB S . 8.10 -32.53 -15.24
NAG 2QB S . 7.03 -32.56 -14.91
NAF 2QB S . 5.95 -32.59 -14.57
CAE 2QB S . 5.40 -31.34 -14.04
C5 2QB S . 5.74 -31.20 -12.70
C6 2QB S . 7.07 -31.00 -12.34
N1 2QB S . 7.36 -30.61 -11.03
C2 2QB S . 6.37 -30.46 -10.13
CAL 2QB S . 6.71 -30.17 -8.82
N3 2QB S . 5.09 -30.68 -10.48
C4 2QB S . 4.76 -31.03 -11.72
NAA 2QB S . 3.50 -31.06 -12.13
#